data_4MJ8
#
_entry.id   4MJ8
#
_cell.length_a   74.999
_cell.length_b   135.445
_cell.length_c   141.188
_cell.angle_alpha   90.00
_cell.angle_beta   90.00
_cell.angle_gamma   90.00
#
_symmetry.space_group_name_H-M   'I 2 2 2'
#
loop_
_entity.id
_entity.type
_entity.pdbx_description
1 polymer 'Spermidine n1-acetyltransferase'
2 non-polymer SPERMINE
3 non-polymer ETHANOL
4 water water
#
_entity_poly.entity_id   1
_entity_poly.type   'polypeptide(L)'
_entity_poly.pdbx_seq_one_letter_code
;SNAMNSQLTLRALERGDLRFIHNLNNNRNIMSYWFEEPYESFDELEELYNKHIHDNAERRFVVEDAQKNLIGLVELIEIN
YIHRSAEFQIIIAPEHQGKGFARTLINRALDYSFTILNLHKIYLHVAVENPKAVHLYEECGFVEEGHLVEEFFINGRYQD
VKRMYILQSKYLNRSE
;
_entity_poly.pdbx_strand_id   A,B,C
#
loop_
_chem_comp.id
_chem_comp.type
_chem_comp.name
_chem_comp.formula
EOH non-polymer ETHANOL 'C2 H6 O'
SPM non-polymer SPERMINE 'C10 H26 N4'
#
# COMPACT_ATOMS: atom_id res chain seq x y z
N ASN A 5 -12.79 -37.96 11.33
CA ASN A 5 -12.21 -39.32 11.55
C ASN A 5 -10.87 -39.43 10.81
N SER A 6 -10.23 -40.58 10.91
CA SER A 6 -8.95 -40.80 10.23
C SER A 6 -9.06 -41.22 8.73
N GLN A 7 -10.28 -41.24 8.16
CA GLN A 7 -10.41 -41.56 6.72
C GLN A 7 -10.43 -40.21 5.94
N LEU A 8 -10.16 -39.09 6.64
CA LEU A 8 -10.00 -37.78 5.98
C LEU A 8 -8.61 -37.73 5.37
N THR A 9 -8.49 -37.14 4.19
CA THR A 9 -7.18 -36.99 3.55
C THR A 9 -6.92 -35.59 3.01
N LEU A 10 -5.65 -35.18 3.06
CA LEU A 10 -5.20 -33.94 2.49
C LEU A 10 -4.50 -34.24 1.16
N ARG A 11 -4.83 -33.49 0.13
CA ARG A 11 -4.14 -33.63 -1.18
C ARG A 11 -4.05 -32.28 -1.84
N ALA A 12 -3.14 -32.18 -2.78
CA ALA A 12 -2.94 -30.94 -3.52
C ALA A 12 -4.20 -30.46 -4.24
N LEU A 13 -4.42 -29.14 -4.21
CA LEU A 13 -5.48 -28.50 -4.92
C LEU A 13 -5.27 -28.73 -6.43
N GLU A 14 -6.35 -29.02 -7.13
CA GLU A 14 -6.33 -29.27 -8.58
C GLU A 14 -7.36 -28.35 -9.23
N ARG A 15 -7.25 -28.20 -10.55
CA ARG A 15 -8.10 -27.32 -11.31
C ARG A 15 -9.56 -27.76 -11.16
N GLY A 16 -9.81 -29.06 -11.14
CA GLY A 16 -11.19 -29.61 -11.00
C GLY A 16 -11.85 -29.28 -9.66
N ASP A 17 -11.09 -28.75 -8.71
CA ASP A 17 -11.60 -28.40 -7.38
C ASP A 17 -11.96 -26.92 -7.32
N LEU A 18 -11.64 -26.17 -8.37
CA LEU A 18 -11.88 -24.71 -8.34
C LEU A 18 -13.32 -24.27 -8.19
N ARG A 19 -14.31 -25.04 -8.66
CA ARG A 19 -15.71 -24.61 -8.46
C ARG A 19 -16.02 -24.66 -6.97
N PHE A 20 -15.48 -25.67 -6.28
CA PHE A 20 -15.66 -25.79 -4.84
C PHE A 20 -15.03 -24.60 -4.12
N ILE A 21 -13.83 -24.20 -4.53
CA ILE A 21 -13.14 -23.05 -3.92
C ILE A 21 -13.89 -21.74 -4.19
N HIS A 22 -14.35 -21.60 -5.43
CA HIS A 22 -15.12 -20.41 -5.80
C HIS A 22 -16.34 -20.25 -4.93
N ASN A 23 -16.99 -21.36 -4.61
CA ASN A 23 -18.16 -21.31 -3.77
C ASN A 23 -17.82 -20.84 -2.32
N LEU A 24 -16.69 -21.31 -1.78
CA LEU A 24 -16.25 -20.86 -0.44
C LEU A 24 -15.78 -19.37 -0.53
N ASN A 25 -15.08 -19.03 -1.58
CA ASN A 25 -14.51 -17.68 -1.71
C ASN A 25 -15.51 -16.58 -1.91
N ASN A 26 -16.74 -16.95 -2.28
CA ASN A 26 -17.78 -15.96 -2.45
C ASN A 26 -18.77 -16.05 -1.32
N ASN A 27 -18.39 -16.69 -0.22
CA ASN A 27 -19.32 -16.83 0.93
C ASN A 27 -18.82 -15.89 2.04
N ARG A 28 -19.61 -14.87 2.32
CA ARG A 28 -19.27 -13.91 3.31
C ARG A 28 -18.97 -14.59 4.66
N ASN A 29 -19.81 -15.50 5.08
CA ASN A 29 -19.59 -16.19 6.37
C ASN A 29 -18.31 -16.99 6.42
N ILE A 30 -17.88 -17.56 5.31
CA ILE A 30 -16.68 -18.38 5.31
C ILE A 30 -15.43 -17.52 5.21
N MET A 31 -15.46 -16.52 4.34
CA MET A 31 -14.30 -15.67 4.14
C MET A 31 -13.94 -14.72 5.33
N SER A 32 -14.92 -14.37 6.14
CA SER A 32 -14.66 -13.60 7.37
C SER A 32 -13.60 -14.31 8.25
N TYR A 33 -13.57 -15.65 8.26
CA TYR A 33 -12.55 -16.40 9.07
C TYR A 33 -11.12 -16.24 8.56
N TRP A 34 -10.99 -15.84 7.30
CA TRP A 34 -9.70 -15.61 6.74
C TRP A 34 -9.37 -14.11 6.53
N PHE A 35 -10.28 -13.27 6.98
CA PHE A 35 -10.15 -11.79 6.92
C PHE A 35 -10.05 -11.36 5.48
N GLU A 36 -10.81 -12.04 4.63
CA GLU A 36 -10.78 -11.76 3.20
C GLU A 36 -12.11 -11.34 2.65
N GLU A 37 -12.04 -10.55 1.59
CA GLU A 37 -13.22 -10.00 0.95
C GLU A 37 -13.93 -11.17 0.24
N PRO A 38 -15.25 -11.36 0.44
CA PRO A 38 -15.95 -12.47 -0.22
C PRO A 38 -16.47 -12.18 -1.66
N TYR A 39 -15.56 -11.88 -2.55
CA TYR A 39 -15.88 -11.60 -3.94
C TYR A 39 -14.71 -12.08 -4.77
N GLU A 40 -14.97 -13.05 -5.63
CA GLU A 40 -13.92 -13.43 -6.52
C GLU A 40 -14.55 -14.11 -7.70
N SER A 41 -14.40 -13.48 -8.89
CA SER A 41 -14.94 -14.18 -10.07
C SER A 41 -14.18 -15.47 -10.31
N PHE A 42 -14.82 -16.39 -11.00
CA PHE A 42 -14.12 -17.63 -11.32
C PHE A 42 -12.84 -17.33 -12.13
N ASP A 43 -12.90 -16.35 -13.00
CA ASP A 43 -11.71 -16.00 -13.81
C ASP A 43 -10.55 -15.44 -12.95
N GLU A 44 -10.85 -14.71 -11.90
CA GLU A 44 -9.78 -14.19 -11.06
C GLU A 44 -9.16 -15.38 -10.32
N LEU A 45 -10.03 -16.23 -9.81
CA LEU A 45 -9.61 -17.41 -9.07
C LEU A 45 -8.67 -18.24 -9.91
N GLU A 46 -9.14 -18.56 -11.11
CA GLU A 46 -8.41 -19.43 -11.95
C GLU A 46 -7.14 -18.83 -12.46
N GLU A 47 -7.16 -17.56 -12.83
CA GLU A 47 -5.94 -16.93 -13.32
C GLU A 47 -4.90 -16.83 -12.21
N LEU A 48 -5.36 -16.61 -10.97
CA LEU A 48 -4.43 -16.59 -9.83
C LEU A 48 -3.92 -18.00 -9.57
N TYR A 49 -4.75 -19.03 -9.72
CA TYR A 49 -4.30 -20.44 -9.60
C TYR A 49 -3.17 -20.66 -10.63
N ASN A 50 -3.40 -20.23 -11.89
CA ASN A 50 -2.42 -20.41 -12.96
C ASN A 50 -1.13 -19.71 -12.64
N LYS A 51 -1.25 -18.51 -12.15
CA LYS A 51 -0.04 -17.75 -11.82
C LYS A 51 0.83 -18.39 -10.77
N HIS A 52 0.21 -19.09 -9.82
CA HIS A 52 0.95 -19.64 -8.68
C HIS A 52 1.28 -21.10 -8.74
N ILE A 53 1.09 -21.70 -9.91
CA ILE A 53 1.38 -23.13 -10.07
C ILE A 53 2.74 -23.53 -9.55
N HIS A 54 3.76 -22.75 -9.92
CA HIS A 54 5.15 -23.02 -9.52
C HIS A 54 5.66 -22.22 -8.32
N ASP A 55 4.76 -21.58 -7.60
CA ASP A 55 5.15 -20.79 -6.46
C ASP A 55 5.42 -21.74 -5.28
N ASN A 56 6.68 -21.83 -4.91
CA ASN A 56 7.14 -22.70 -3.85
C ASN A 56 6.81 -22.16 -2.43
N ALA A 57 6.32 -20.92 -2.33
CA ALA A 57 6.03 -20.29 -1.03
C ALA A 57 4.66 -20.64 -0.46
N GLU A 58 3.94 -21.54 -1.14
CA GLU A 58 2.68 -21.94 -0.64
C GLU A 58 2.38 -23.39 -0.96
N ARG A 59 1.50 -23.98 -0.16
CA ARG A 59 1.00 -25.31 -0.43
C ARG A 59 -0.51 -25.26 -0.16
N ARG A 60 -1.35 -25.49 -1.18
CA ARG A 60 -2.83 -25.47 -1.02
C ARG A 60 -3.41 -26.86 -1.11
N PHE A 61 -4.18 -27.24 -0.10
CA PHE A 61 -4.74 -28.57 -0.04
C PHE A 61 -6.23 -28.55 0.06
N VAL A 62 -6.81 -29.61 -0.47
CA VAL A 62 -8.24 -29.81 -0.33
C VAL A 62 -8.31 -31.04 0.55
N VAL A 63 -9.40 -31.11 1.30
CA VAL A 63 -9.66 -32.16 2.20
C VAL A 63 -10.84 -32.94 1.68
N GLU A 64 -10.69 -34.26 1.59
CA GLU A 64 -11.75 -35.16 1.15
C GLU A 64 -11.98 -36.27 2.16
N ASP A 65 -13.16 -36.87 2.14
CA ASP A 65 -13.41 -38.01 2.99
C ASP A 65 -13.28 -39.23 2.09
N ALA A 66 -13.54 -40.41 2.64
CA ALA A 66 -13.44 -41.68 1.87
C ALA A 66 -14.27 -41.73 0.57
N GLN A 67 -15.45 -41.10 0.57
CA GLN A 67 -16.29 -41.05 -0.63
C GLN A 67 -15.90 -39.96 -1.62
N LYS A 68 -14.80 -39.24 -1.39
CA LYS A 68 -14.39 -38.16 -2.28
C LYS A 68 -15.23 -36.89 -2.18
N ASN A 69 -15.96 -36.73 -1.07
CA ASN A 69 -16.71 -35.51 -0.85
C ASN A 69 -15.66 -34.49 -0.40
N LEU A 70 -15.75 -33.28 -0.92
CA LEU A 70 -14.83 -32.19 -0.59
C LEU A 70 -15.28 -31.62 0.73
N ILE A 71 -14.38 -31.59 1.70
CA ILE A 71 -14.72 -31.21 3.06
C ILE A 71 -14.32 -29.78 3.42
N GLY A 72 -13.17 -29.37 2.92
CA GLY A 72 -12.72 -28.06 3.18
C GLY A 72 -11.38 -27.86 2.57
N LEU A 73 -10.70 -26.85 3.08
CA LEU A 73 -9.39 -26.47 2.61
C LEU A 73 -8.41 -26.23 3.71
N VAL A 74 -7.15 -26.46 3.40
CA VAL A 74 -6.02 -26.25 4.28
C VAL A 74 -4.93 -25.61 3.44
N GLU A 75 -4.42 -24.50 3.90
CA GLU A 75 -3.30 -23.83 3.21
C GLU A 75 -2.11 -23.51 4.14
N LEU A 76 -0.92 -23.70 3.61
CA LEU A 76 0.31 -23.29 4.28
C LEU A 76 0.85 -22.20 3.37
N ILE A 77 0.90 -20.96 3.85
CA ILE A 77 1.33 -19.85 3.02
C ILE A 77 2.49 -19.07 3.62
N GLU A 78 3.09 -18.19 2.81
CA GLU A 78 4.25 -17.36 3.19
C GLU A 78 5.34 -18.28 3.70
N ILE A 79 5.52 -19.42 3.07
CA ILE A 79 6.56 -20.32 3.47
C ILE A 79 7.92 -19.63 3.27
N ASN A 80 8.70 -19.54 4.35
CA ASN A 80 9.99 -18.86 4.28
C ASN A 80 11.04 -19.89 4.54
N TYR A 81 11.96 -19.99 3.62
CA TYR A 81 12.95 -21.02 3.72
C TYR A 81 14.24 -20.74 4.48
N ILE A 82 14.40 -19.50 4.97
CA ILE A 82 15.49 -19.20 5.89
C ILE A 82 14.94 -19.33 7.30
N HIS A 83 13.85 -18.60 7.57
CA HIS A 83 13.24 -18.63 8.88
C HIS A 83 12.46 -19.89 9.17
N ARG A 84 12.21 -20.73 8.16
N ARG A 84 12.14 -20.63 8.12
CA ARG A 84 11.49 -21.99 8.38
CA ARG A 84 11.41 -21.90 8.22
C ARG A 84 10.08 -21.80 9.02
C ARG A 84 10.10 -21.80 8.97
N SER A 85 9.35 -20.80 8.57
CA SER A 85 8.04 -20.56 9.13
C SER A 85 7.02 -20.46 8.01
N ALA A 86 5.76 -20.68 8.37
CA ALA A 86 4.63 -20.50 7.43
C ALA A 86 3.39 -20.21 8.20
N GLU A 87 2.42 -19.61 7.52
CA GLU A 87 1.09 -19.37 8.12
C GLU A 87 0.15 -20.51 7.70
N PHE A 88 -0.62 -21.00 8.64
CA PHE A 88 -1.60 -22.03 8.44
C PHE A 88 -2.98 -21.42 8.46
N GLN A 89 -3.78 -21.79 7.48
CA GLN A 89 -5.15 -21.36 7.48
C GLN A 89 -6.01 -22.52 7.02
N ILE A 90 -7.20 -22.57 7.58
CA ILE A 90 -8.14 -23.66 7.31
C ILE A 90 -9.59 -23.22 7.17
N ILE A 91 -10.35 -23.94 6.32
CA ILE A 91 -11.77 -23.71 6.16
C ILE A 91 -12.47 -25.06 6.13
N ILE A 92 -13.50 -25.19 6.92
CA ILE A 92 -14.29 -26.41 6.86
C ILE A 92 -15.61 -25.92 6.25
N ALA A 93 -16.03 -26.52 5.14
CA ALA A 93 -17.26 -26.13 4.50
C ALA A 93 -18.44 -26.18 5.50
N PRO A 94 -19.42 -25.29 5.32
CA PRO A 94 -20.59 -25.17 6.15
C PRO A 94 -21.26 -26.47 6.58
N GLU A 95 -21.55 -27.32 5.60
N GLU A 95 -21.65 -27.38 5.67
CA GLU A 95 -22.21 -28.59 5.84
CA GLU A 95 -22.34 -28.60 6.16
C GLU A 95 -21.40 -29.58 6.74
C GLU A 95 -21.42 -29.54 6.94
N HIS A 96 -20.10 -29.32 6.92
CA HIS A 96 -19.23 -30.21 7.72
C HIS A 96 -18.70 -29.62 9.02
N GLN A 97 -19.08 -28.38 9.31
CA GLN A 97 -18.66 -27.77 10.56
C GLN A 97 -19.33 -28.49 11.73
N GLY A 98 -18.61 -28.58 12.84
CA GLY A 98 -19.12 -29.21 14.04
C GLY A 98 -19.09 -30.72 14.09
N LYS A 99 -18.53 -31.37 13.09
CA LYS A 99 -18.51 -32.84 13.10
C LYS A 99 -17.30 -33.48 13.77
N GLY A 100 -16.32 -32.67 14.17
CA GLY A 100 -15.12 -33.18 14.82
C GLY A 100 -13.91 -33.40 13.91
N PHE A 101 -13.98 -32.82 12.72
CA PHE A 101 -12.90 -32.94 11.75
C PHE A 101 -11.82 -31.91 12.01
N ALA A 102 -12.18 -30.81 12.64
CA ALA A 102 -11.16 -29.77 12.77
C ALA A 102 -9.83 -30.22 13.38
N ARG A 103 -9.84 -30.91 14.51
CA ARG A 103 -8.58 -31.31 15.17
C ARG A 103 -7.71 -32.26 14.31
N THR A 104 -8.38 -33.17 13.62
CA THR A 104 -7.71 -34.12 12.75
C THR A 104 -7.02 -33.31 11.67
N LEU A 105 -7.73 -32.36 11.07
CA LEU A 105 -7.16 -31.61 9.97
C LEU A 105 -6.03 -30.69 10.41
N ILE A 106 -6.15 -30.11 11.60
CA ILE A 106 -5.09 -29.28 12.11
C ILE A 106 -3.87 -30.19 12.28
N ASN A 107 -4.09 -31.36 12.89
CA ASN A 107 -2.99 -32.28 13.07
C ASN A 107 -2.33 -32.68 11.71
N ARG A 108 -3.12 -32.95 10.67
CA ARG A 108 -2.54 -33.26 9.36
C ARG A 108 -1.71 -32.12 8.78
N ALA A 109 -2.16 -30.89 8.96
CA ALA A 109 -1.39 -29.77 8.50
C ALA A 109 -0.06 -29.66 9.22
N LEU A 110 -0.08 -29.89 10.53
CA LEU A 110 1.12 -29.83 11.32
C LEU A 110 2.05 -30.96 10.89
N ASP A 111 1.50 -32.14 10.71
CA ASP A 111 2.29 -33.26 10.27
C ASP A 111 3.01 -32.93 8.94
N TYR A 112 2.27 -32.33 8.01
CA TYR A 112 2.83 -32.01 6.72
C TYR A 112 3.97 -31.01 6.92
N SER A 113 3.67 -29.97 7.69
CA SER A 113 4.61 -28.88 7.95
C SER A 113 5.89 -29.34 8.61
N PHE A 114 5.74 -30.22 9.58
CA PHE A 114 6.87 -30.64 10.39
C PHE A 114 7.57 -31.94 10.00
N THR A 115 6.89 -32.85 9.33
CA THR A 115 7.52 -34.13 8.97
C THR A 115 7.88 -34.19 7.51
N ILE A 116 7.33 -33.28 6.71
CA ILE A 116 7.63 -33.24 5.28
C ILE A 116 8.40 -31.96 4.85
N LEU A 117 7.83 -30.81 5.11
CA LEU A 117 8.47 -29.54 4.71
C LEU A 117 9.61 -29.15 5.61
N ASN A 118 9.69 -29.82 6.76
CA ASN A 118 10.76 -29.57 7.69
C ASN A 118 10.78 -28.10 8.17
N LEU A 119 9.61 -27.57 8.51
CA LEU A 119 9.54 -26.21 8.99
C LEU A 119 9.76 -26.19 10.47
N HIS A 120 10.14 -25.03 10.95
CA HIS A 120 10.42 -24.80 12.35
C HIS A 120 9.22 -24.25 13.11
N LYS A 121 8.43 -23.43 12.45
CA LYS A 121 7.33 -22.76 13.13
C LYS A 121 6.10 -22.56 12.29
N ILE A 122 4.95 -22.89 12.84
CA ILE A 122 3.69 -22.62 12.17
C ILE A 122 2.89 -21.65 13.02
N TYR A 123 2.37 -20.60 12.41
CA TYR A 123 1.52 -19.63 13.12
C TYR A 123 0.18 -19.45 12.36
N LEU A 124 -0.81 -18.87 13.04
CA LEU A 124 -2.11 -18.55 12.48
C LEU A 124 -2.65 -17.34 13.20
N HIS A 125 -3.71 -16.79 12.62
CA HIS A 125 -4.44 -15.69 13.15
C HIS A 125 -5.88 -16.16 13.33
N VAL A 126 -6.51 -15.75 14.43
CA VAL A 126 -7.88 -16.14 14.71
C VAL A 126 -8.54 -15.01 15.46
N ALA A 127 -9.80 -14.73 15.11
CA ALA A 127 -10.58 -13.66 15.72
C ALA A 127 -10.70 -13.79 17.24
N VAL A 128 -10.43 -12.68 17.92
CA VAL A 128 -10.55 -12.69 19.38
C VAL A 128 -12.02 -12.95 19.72
N GLU A 129 -12.93 -12.52 18.84
CA GLU A 129 -14.35 -12.72 19.04
C GLU A 129 -14.79 -14.16 18.84
N ASN A 130 -13.86 -15.05 18.47
CA ASN A 130 -14.19 -16.48 18.39
C ASN A 130 -13.37 -17.22 19.47
N PRO A 131 -13.71 -17.03 20.76
CA PRO A 131 -12.90 -17.68 21.75
C PRO A 131 -12.93 -19.20 21.73
N LYS A 132 -13.98 -19.82 21.20
CA LYS A 132 -14.04 -21.29 21.16
C LYS A 132 -12.92 -21.80 20.22
N ALA A 133 -12.67 -21.06 19.17
CA ALA A 133 -11.62 -21.45 18.21
C ALA A 133 -10.24 -21.27 18.83
N VAL A 134 -10.06 -20.15 19.55
CA VAL A 134 -8.80 -19.86 20.26
C VAL A 134 -8.52 -21.03 21.18
N HIS A 135 -9.56 -21.42 21.92
CA HIS A 135 -9.45 -22.54 22.83
C HIS A 135 -9.04 -23.84 22.14
N LEU A 136 -9.70 -24.16 21.04
CA LEU A 136 -9.38 -25.38 20.30
C LEU A 136 -7.92 -25.36 19.83
N TYR A 137 -7.48 -24.25 19.27
CA TYR A 137 -6.08 -24.14 18.87
C TYR A 137 -5.13 -24.38 20.03
N GLU A 138 -5.43 -23.84 21.22
CA GLU A 138 -4.60 -24.08 22.43
C GLU A 138 -4.46 -25.53 22.79
N GLU A 139 -5.58 -26.27 22.72
CA GLU A 139 -5.60 -27.71 22.99
C GLU A 139 -4.85 -28.45 21.92
N CYS A 140 -4.72 -27.88 20.74
CA CYS A 140 -3.97 -28.55 19.68
C CYS A 140 -2.50 -28.20 19.75
N GLY A 141 -2.09 -27.50 20.80
CA GLY A 141 -0.69 -27.13 20.96
C GLY A 141 -0.30 -25.71 20.65
N PHE A 142 -1.18 -24.93 20.03
CA PHE A 142 -0.81 -23.56 19.73
C PHE A 142 -0.82 -22.68 20.97
N VAL A 143 0.01 -21.63 20.96
CA VAL A 143 0.11 -20.69 22.05
C VAL A 143 0.06 -19.27 21.50
N GLU A 144 -0.67 -18.41 22.17
CA GLU A 144 -0.79 -17.01 21.79
C GLU A 144 0.56 -16.30 21.94
N GLU A 145 0.98 -15.61 20.89
CA GLU A 145 2.20 -14.79 20.91
C GLU A 145 1.89 -13.33 20.60
N GLY A 146 0.65 -13.05 20.20
CA GLY A 146 0.22 -11.69 19.89
C GLY A 146 -1.30 -11.50 19.97
N HIS A 147 -1.72 -10.28 20.28
CA HIS A 147 -3.13 -9.89 20.31
C HIS A 147 -3.12 -8.62 19.49
N LEU A 148 -3.36 -8.77 18.19
CA LEU A 148 -3.26 -7.67 17.25
C LEU A 148 -4.51 -6.81 17.28
N VAL A 149 -4.29 -5.55 17.62
CA VAL A 149 -5.34 -4.59 17.83
C VAL A 149 -5.87 -3.95 16.54
N GLU A 150 -7.17 -4.04 16.34
CA GLU A 150 -7.85 -3.47 15.18
C GLU A 150 -7.07 -3.77 13.93
N GLU A 151 -6.67 -5.03 13.82
CA GLU A 151 -5.88 -5.51 12.71
C GLU A 151 -6.67 -5.59 11.40
N PHE A 152 -7.93 -6.04 11.47
CA PHE A 152 -8.75 -6.27 10.28
C PHE A 152 -10.12 -5.67 10.36
N PHE A 153 -10.59 -5.16 9.22
CA PHE A 153 -11.91 -4.55 9.13
C PHE A 153 -12.76 -5.72 8.65
N ILE A 154 -13.76 -6.07 9.43
CA ILE A 154 -14.59 -7.21 9.17
C ILE A 154 -15.99 -6.87 9.60
N ASN A 155 -16.91 -7.03 8.70
CA ASN A 155 -18.30 -6.78 8.96
C ASN A 155 -18.60 -5.50 9.71
N GLY A 156 -18.01 -4.41 9.25
CA GLY A 156 -18.34 -3.10 9.74
C GLY A 156 -17.50 -2.50 10.82
N ARG A 157 -16.52 -3.22 11.32
CA ARG A 157 -15.67 -2.71 12.39
C ARG A 157 -14.29 -3.32 12.41
N TYR A 158 -13.38 -2.64 13.08
CA TYR A 158 -12.06 -3.15 13.22
C TYR A 158 -12.05 -4.15 14.33
N GLN A 159 -11.47 -5.30 14.08
CA GLN A 159 -11.41 -6.40 15.05
C GLN A 159 -10.00 -6.77 15.37
N ASP A 160 -9.88 -7.40 16.54
CA ASP A 160 -8.63 -7.86 17.03
C ASP A 160 -8.51 -9.34 16.71
N VAL A 161 -7.27 -9.79 16.50
CA VAL A 161 -7.01 -11.21 16.32
C VAL A 161 -5.86 -11.67 17.22
N LYS A 162 -5.87 -12.94 17.60
CA LYS A 162 -4.77 -13.51 18.30
C LYS A 162 -3.83 -14.06 17.22
N ARG A 163 -2.53 -14.01 17.45
CA ARG A 163 -1.59 -14.70 16.58
C ARG A 163 -1.13 -15.79 17.51
N MET A 164 -1.12 -17.03 17.01
CA MET A 164 -0.77 -18.20 17.76
C MET A 164 0.29 -19.01 17.00
N TYR A 165 1.13 -19.73 17.73
CA TYR A 165 2.21 -20.48 17.07
C TYR A 165 2.51 -21.80 17.74
N ILE A 166 3.11 -22.70 16.96
CA ILE A 166 3.60 -23.96 17.50
C ILE A 166 4.91 -24.24 16.80
N LEU A 167 5.86 -24.82 17.52
CA LEU A 167 7.17 -25.15 16.98
C LEU A 167 7.31 -26.62 16.69
N GLN A 168 8.17 -26.89 15.72
CA GLN A 168 8.44 -28.23 15.28
C GLN A 168 8.86 -29.14 16.44
N SER A 169 9.76 -28.66 17.28
CA SER A 169 10.27 -29.48 18.41
C SER A 169 9.13 -29.88 19.35
N LYS A 170 8.25 -28.96 19.66
CA LYS A 170 7.10 -29.29 20.48
C LYS A 170 6.21 -30.34 19.79
N TYR A 171 5.91 -30.17 18.50
CA TYR A 171 5.02 -31.12 17.82
C TYR A 171 5.57 -32.54 17.68
N LEU A 172 6.83 -32.65 17.31
CA LEU A 172 7.43 -33.95 17.14
C LEU A 172 7.79 -34.61 18.46
N ASN A 173 7.75 -33.88 19.56
CA ASN A 173 8.14 -34.50 20.84
C ASN A 173 7.05 -35.14 21.68
N ARG A 174 6.44 -36.17 21.08
CA ARG A 174 5.37 -37.01 21.67
C ARG A 174 4.43 -37.55 20.59
N SER B 6 0.05 37.10 -23.77
CA SER B 6 1.04 37.58 -24.77
C SER B 6 2.19 36.58 -24.93
N GLN B 7 3.34 36.87 -24.30
CA GLN B 7 4.55 36.00 -24.38
C GLN B 7 4.55 34.74 -23.48
N LEU B 8 3.40 34.41 -22.88
CA LEU B 8 3.25 33.11 -22.20
C LEU B 8 2.73 32.23 -23.32
N THR B 9 3.16 30.98 -23.35
CA THR B 9 2.74 30.08 -24.41
C THR B 9 2.41 28.70 -23.83
N LEU B 10 1.40 28.10 -24.40
CA LEU B 10 0.95 26.80 -24.02
C LEU B 10 1.41 25.85 -25.11
N ARG B 11 2.04 24.73 -24.75
CA ARG B 11 2.48 23.78 -25.78
C ARG B 11 2.44 22.39 -25.21
N ALA B 12 2.38 21.39 -26.09
CA ALA B 12 2.35 20.00 -25.71
C ALA B 12 3.49 19.63 -24.81
N LEU B 13 3.16 18.80 -23.81
CA LEU B 13 4.09 18.25 -22.87
C LEU B 13 4.99 17.35 -23.66
N GLU B 14 6.29 17.45 -23.38
CA GLU B 14 7.34 16.65 -24.04
C GLU B 14 8.18 15.92 -22.99
N ARG B 15 8.94 14.93 -23.45
CA ARG B 15 9.76 14.10 -22.58
C ARG B 15 10.78 14.93 -21.82
N GLY B 16 11.40 15.89 -22.49
CA GLY B 16 12.35 16.80 -21.85
C GLY B 16 11.78 17.68 -20.74
N ASP B 17 10.46 17.74 -20.58
CA ASP B 17 9.81 18.54 -19.55
C ASP B 17 9.48 17.69 -18.29
N LEU B 18 9.78 16.41 -18.35
CA LEU B 18 9.37 15.48 -17.27
C LEU B 18 10.10 15.73 -15.94
N ARG B 19 11.31 16.24 -15.96
CA ARG B 19 11.98 16.57 -14.68
C ARG B 19 11.26 17.70 -13.95
N PHE B 20 10.78 18.66 -14.73
CA PHE B 20 9.98 19.76 -14.20
C PHE B 20 8.65 19.20 -13.67
N ILE B 21 7.98 18.33 -14.41
CA ILE B 21 6.70 17.72 -13.92
C ILE B 21 6.95 16.92 -12.63
N HIS B 22 8.04 16.18 -12.63
CA HIS B 22 8.43 15.34 -11.48
C HIS B 22 8.59 16.14 -10.22
N ASN B 23 9.24 17.31 -10.35
CA ASN B 23 9.43 18.20 -9.24
C ASN B 23 8.06 18.66 -8.68
N LEU B 24 7.11 18.97 -9.55
CA LEU B 24 5.77 19.43 -9.09
C LEU B 24 4.99 18.24 -8.46
N ASN B 25 5.11 17.08 -9.07
CA ASN B 25 4.40 15.87 -8.65
C ASN B 25 4.79 15.28 -7.29
N ASN B 26 5.96 15.69 -6.81
CA ASN B 26 6.48 15.29 -5.54
C ASN B 26 6.45 16.43 -4.54
N ASN B 27 5.82 17.52 -4.92
CA ASN B 27 5.67 18.66 -4.01
C ASN B 27 4.28 18.58 -3.36
N ARG B 28 4.26 18.40 -2.06
CA ARG B 28 3.03 18.24 -1.30
C ARG B 28 2.08 19.45 -1.43
N ASN B 29 2.65 20.63 -1.30
CA ASN B 29 1.86 21.89 -1.41
C ASN B 29 1.20 22.03 -2.74
N ILE B 30 1.89 21.64 -3.82
CA ILE B 30 1.32 21.76 -5.16
C ILE B 30 0.30 20.69 -5.49
N MET B 31 0.60 19.44 -5.15
CA MET B 31 -0.33 18.34 -5.44
C MET B 31 -1.64 18.39 -4.58
N SER B 32 -1.57 19.11 -3.46
CA SER B 32 -2.72 19.33 -2.62
C SER B 32 -3.81 20.04 -3.48
N TYR B 33 -3.43 20.95 -4.38
CA TYR B 33 -4.42 21.62 -5.24
C TYR B 33 -5.10 20.71 -6.23
N TRP B 34 -4.49 19.58 -6.55
CA TRP B 34 -5.06 18.59 -7.45
C TRP B 34 -5.59 17.33 -6.74
N PHE B 35 -5.56 17.35 -5.42
CA PHE B 35 -6.07 16.23 -4.62
C PHE B 35 -5.29 14.98 -4.93
N GLU B 36 -3.97 15.09 -5.07
CA GLU B 36 -3.22 13.93 -5.46
C GLU B 36 -2.13 13.65 -4.51
N GLU B 37 -1.81 12.37 -4.40
CA GLU B 37 -0.72 11.98 -3.51
C GLU B 37 0.60 12.52 -4.05
N PRO B 38 1.38 13.18 -3.22
CA PRO B 38 2.63 13.73 -3.68
C PRO B 38 3.83 12.76 -3.61
N TYR B 39 3.76 11.72 -4.40
CA TYR B 39 4.82 10.72 -4.47
C TYR B 39 4.74 10.14 -5.86
N GLU B 40 5.82 10.27 -6.61
CA GLU B 40 5.81 9.65 -7.90
C GLU B 40 7.23 9.57 -8.34
N SER B 41 7.78 8.33 -8.43
CA SER B 41 9.15 8.22 -8.94
C SER B 41 9.18 8.69 -10.38
N PHE B 42 10.37 9.04 -10.81
CA PHE B 42 10.50 9.45 -12.19
C PHE B 42 10.15 8.33 -13.13
N ASP B 43 10.44 7.07 -12.71
CA ASP B 43 10.14 5.92 -13.54
C ASP B 43 8.64 5.74 -13.67
N GLU B 44 7.89 5.97 -12.59
CA GLU B 44 6.45 5.83 -12.71
C GLU B 44 5.90 6.93 -13.65
N LEU B 45 6.33 8.15 -13.42
CA LEU B 45 5.93 9.28 -14.25
C LEU B 45 6.20 9.01 -15.72
N GLU B 46 7.44 8.62 -16.01
CA GLU B 46 7.86 8.39 -17.40
C GLU B 46 7.12 7.24 -18.06
N GLU B 47 6.97 6.14 -17.33
CA GLU B 47 6.25 4.97 -17.84
C GLU B 47 4.77 5.27 -18.10
N LEU B 48 4.14 6.06 -17.25
CA LEU B 48 2.75 6.47 -17.53
C LEU B 48 2.68 7.37 -18.72
N TYR B 49 3.66 8.25 -18.85
CA TYR B 49 3.71 9.18 -20.01
C TYR B 49 3.77 8.36 -21.28
N ASN B 50 4.62 7.32 -21.27
CA ASN B 50 4.78 6.43 -22.44
C ASN B 50 3.51 5.72 -22.72
N LYS B 51 2.87 5.29 -21.66
CA LYS B 51 1.60 4.56 -21.82
C LYS B 51 0.53 5.42 -22.53
N HIS B 52 0.49 6.71 -22.20
CA HIS B 52 -0.55 7.60 -22.72
C HIS B 52 -0.21 8.45 -23.95
N ILE B 53 0.86 8.14 -24.65
CA ILE B 53 1.28 8.92 -25.80
C ILE B 53 0.19 9.12 -26.78
N HIS B 54 -0.54 8.04 -27.05
CA HIS B 54 -1.59 8.07 -28.03
C HIS B 54 -2.99 8.13 -27.46
N ASP B 55 -3.12 8.40 -26.17
CA ASP B 55 -4.42 8.47 -25.53
C ASP B 55 -5.10 9.79 -25.93
N ASN B 56 -6.16 9.67 -26.71
CA ASN B 56 -6.90 10.80 -27.22
C ASN B 56 -7.77 11.51 -26.19
N ALA B 57 -7.93 10.88 -25.01
CA ALA B 57 -8.80 11.41 -23.93
C ALA B 57 -8.16 12.50 -23.06
N GLU B 58 -6.92 12.87 -23.39
CA GLU B 58 -6.24 13.90 -22.65
C GLU B 58 -5.37 14.75 -23.50
N ARG B 59 -5.15 15.98 -23.02
CA ARG B 59 -4.17 16.86 -23.62
C ARG B 59 -3.41 17.51 -22.45
N ARG B 60 -2.07 17.34 -22.40
CA ARG B 60 -1.27 17.92 -21.32
C ARG B 60 -0.40 18.96 -21.95
N PHE B 61 -0.43 20.16 -21.36
CA PHE B 61 0.39 21.26 -21.86
C PHE B 61 1.28 21.76 -20.79
N VAL B 62 2.42 22.33 -21.21
CA VAL B 62 3.28 23.03 -20.31
C VAL B 62 3.20 24.48 -20.74
N VAL B 63 3.46 25.34 -19.77
CA VAL B 63 3.41 26.78 -20.00
C VAL B 63 4.82 27.28 -19.92
N GLU B 64 5.25 28.08 -20.89
CA GLU B 64 6.58 28.66 -20.97
C GLU B 64 6.48 30.15 -21.14
N ASP B 65 7.47 30.89 -20.68
CA ASP B 65 7.46 32.35 -20.91
C ASP B 65 8.31 32.61 -22.15
N ALA B 66 8.68 33.89 -22.30
CA ALA B 66 9.54 34.35 -23.37
C ALA B 66 10.92 33.66 -23.36
N GLN B 67 11.57 33.53 -22.19
CA GLN B 67 12.89 32.86 -22.09
C GLN B 67 12.86 31.31 -22.06
N LYS B 68 11.74 30.70 -22.44
CA LYS B 68 11.63 29.23 -22.43
C LYS B 68 11.62 28.68 -21.00
N ASN B 69 11.40 29.52 -19.99
CA ASN B 69 11.33 29.01 -18.61
C ASN B 69 10.02 28.29 -18.40
N LEU B 70 10.04 27.12 -17.75
CA LEU B 70 8.81 26.34 -17.52
C LEU B 70 8.00 26.99 -16.38
N ILE B 71 6.78 27.40 -16.72
CA ILE B 71 5.96 28.18 -15.82
C ILE B 71 4.97 27.38 -15.04
N GLY B 72 4.38 26.40 -15.69
CA GLY B 72 3.40 25.64 -15.02
C GLY B 72 2.89 24.60 -15.95
N LEU B 73 1.73 24.11 -15.62
CA LEU B 73 1.17 23.02 -16.33
C LEU B 73 -0.33 23.18 -16.45
N VAL B 74 -0.86 22.83 -17.61
CA VAL B 74 -2.28 22.89 -17.87
C VAL B 74 -2.70 21.57 -18.51
N GLU B 75 -3.79 21.01 -18.02
CA GLU B 75 -4.23 19.77 -18.58
C GLU B 75 -5.76 19.72 -18.79
N LEU B 76 -6.15 19.04 -19.87
CA LEU B 76 -7.52 18.79 -20.19
C LEU B 76 -7.60 17.28 -20.14
N ILE B 77 -8.41 16.74 -19.20
CA ILE B 77 -8.50 15.27 -19.04
C ILE B 77 -9.96 14.76 -19.11
N GLU B 78 -10.10 13.45 -19.24
CA GLU B 78 -11.41 12.78 -19.35
C GLU B 78 -12.19 13.37 -20.50
N ILE B 79 -11.51 13.69 -21.61
CA ILE B 79 -12.17 14.25 -22.77
C ILE B 79 -13.18 13.19 -23.29
N ASN B 80 -14.45 13.55 -23.37
CA ASN B 80 -15.48 12.60 -23.80
C ASN B 80 -16.01 13.03 -25.17
N TYR B 81 -15.96 12.00 -26.03
N TYR B 81 -15.92 12.20 -26.18
CA TYR B 81 -16.24 11.95 -27.46
CA TYR B 81 -16.32 12.76 -27.44
C TYR B 81 -17.69 12.24 -27.88
C TYR B 81 -17.84 12.66 -27.77
N ILE B 82 -18.61 11.90 -26.99
CA ILE B 82 -20.05 11.98 -27.22
C ILE B 82 -20.60 13.17 -26.50
N HIS B 83 -20.31 13.25 -25.21
CA HIS B 83 -20.83 14.37 -24.41
C HIS B 83 -20.09 15.70 -24.59
N ARG B 84 -18.91 15.64 -25.19
N ARG B 84 -18.92 15.64 -25.23
CA ARG B 84 -18.10 16.80 -25.46
CA ARG B 84 -18.10 16.82 -25.55
C ARG B 84 -17.83 17.61 -24.19
C ARG B 84 -17.65 17.62 -24.30
N SER B 85 -17.29 16.90 -23.22
CA SER B 85 -16.89 17.52 -21.97
C SER B 85 -15.49 17.05 -21.62
N ALA B 86 -14.81 17.83 -20.77
CA ALA B 86 -13.46 17.57 -20.29
C ALA B 86 -13.23 18.28 -18.97
N GLU B 87 -12.36 17.72 -18.15
CA GLU B 87 -12.02 18.36 -16.92
C GLU B 87 -10.75 19.14 -17.17
N PHE B 88 -10.70 20.33 -16.61
CA PHE B 88 -9.57 21.22 -16.67
C PHE B 88 -8.86 21.31 -15.35
N GLN B 89 -7.54 21.32 -15.42
CA GLN B 89 -6.72 21.52 -14.22
C GLN B 89 -5.43 22.28 -14.56
N ILE B 90 -4.97 23.07 -13.59
CA ILE B 90 -3.81 23.92 -13.78
C ILE B 90 -2.97 24.02 -12.53
N ILE B 91 -1.67 24.20 -12.76
CA ILE B 91 -0.70 24.42 -11.71
C ILE B 91 0.23 25.47 -12.21
N ILE B 92 0.55 26.41 -11.35
CA ILE B 92 1.55 27.41 -11.66
C ILE B 92 2.67 27.15 -10.68
N ALA B 93 3.89 26.97 -11.16
CA ALA B 93 5.05 26.77 -10.29
C ALA B 93 5.06 27.82 -9.19
N PRO B 94 5.49 27.42 -7.98
CA PRO B 94 5.47 28.33 -6.86
C PRO B 94 6.19 29.68 -7.14
N GLU B 95 7.37 29.64 -7.75
CA GLU B 95 8.08 30.93 -7.99
C GLU B 95 7.36 31.87 -8.97
N HIS B 96 6.42 31.35 -9.78
CA HIS B 96 5.73 32.18 -10.78
C HIS B 96 4.31 32.60 -10.43
N GLN B 97 3.84 32.21 -9.26
CA GLN B 97 2.51 32.59 -8.79
C GLN B 97 2.46 34.07 -8.40
N GLY B 98 1.24 34.59 -8.27
CA GLY B 98 1.07 35.99 -7.89
C GLY B 98 1.46 36.98 -8.96
N LYS B 99 1.93 36.49 -10.10
CA LYS B 99 2.31 37.39 -11.19
C LYS B 99 1.15 37.63 -12.12
N GLY B 100 -0.04 37.16 -11.74
CA GLY B 100 -1.23 37.33 -12.56
C GLY B 100 -1.32 36.48 -13.82
N PHE B 101 -0.59 35.36 -13.87
CA PHE B 101 -0.61 34.52 -15.05
C PHE B 101 -1.80 33.58 -15.11
N ALA B 102 -2.38 33.29 -13.96
CA ALA B 102 -3.49 32.31 -13.89
C ALA B 102 -4.64 32.63 -14.86
N ARG B 103 -5.08 33.87 -14.87
CA ARG B 103 -6.19 34.30 -15.71
C ARG B 103 -5.91 34.12 -17.19
N THR B 104 -4.73 34.53 -17.63
CA THR B 104 -4.34 34.38 -19.04
C THR B 104 -4.36 32.90 -19.45
N LEU B 105 -3.84 32.03 -18.56
CA LEU B 105 -3.71 30.62 -18.84
C LEU B 105 -5.05 29.89 -18.83
N ILE B 106 -5.95 30.27 -17.93
CA ILE B 106 -7.25 29.66 -17.86
C ILE B 106 -7.89 30.02 -19.18
N ASN B 107 -7.72 31.26 -19.61
CA ASN B 107 -8.32 31.63 -20.87
C ASN B 107 -7.76 30.87 -22.08
N ARG B 108 -6.47 30.59 -22.08
CA ARG B 108 -5.87 29.83 -23.18
C ARG B 108 -6.45 28.42 -23.23
N ALA B 109 -6.66 27.84 -22.05
CA ALA B 109 -7.18 26.51 -21.97
C ALA B 109 -8.60 26.40 -22.52
N LEU B 110 -9.41 27.41 -22.24
CA LEU B 110 -10.78 27.48 -22.71
C LEU B 110 -10.75 27.74 -24.22
N ASP B 111 -9.88 28.61 -24.68
CA ASP B 111 -9.77 28.80 -26.10
C ASP B 111 -9.43 27.48 -26.81
N TYR B 112 -8.52 26.70 -26.25
CA TYR B 112 -8.13 25.46 -26.88
C TYR B 112 -9.31 24.50 -26.90
N SER B 113 -9.95 24.40 -25.76
CA SER B 113 -11.12 23.50 -25.58
C SER B 113 -12.27 23.82 -26.51
N PHE B 114 -12.55 25.11 -26.66
CA PHE B 114 -13.70 25.55 -27.40
C PHE B 114 -13.48 25.95 -28.85
N THR B 115 -12.27 26.40 -29.24
CA THR B 115 -12.04 26.83 -30.62
C THR B 115 -11.27 25.78 -31.43
N ILE B 116 -10.66 24.83 -30.74
CA ILE B 116 -9.89 23.77 -31.37
C ILE B 116 -10.49 22.36 -31.17
N LEU B 117 -10.75 21.94 -29.93
CA LEU B 117 -11.30 20.58 -29.69
C LEU B 117 -12.77 20.51 -29.90
N ASN B 118 -13.40 21.69 -30.01
CA ASN B 118 -14.82 21.73 -30.26
C ASN B 118 -15.61 21.05 -29.15
N LEU B 119 -15.24 21.33 -27.91
CA LEU B 119 -15.97 20.80 -26.77
C LEU B 119 -17.15 21.64 -26.38
N HIS B 120 -18.12 21.04 -25.68
CA HIS B 120 -19.31 21.73 -25.23
C HIS B 120 -19.20 22.28 -23.81
N LYS B 121 -18.52 21.53 -22.98
CA LYS B 121 -18.41 21.85 -21.55
C LYS B 121 -17.03 21.59 -20.93
N ILE B 122 -16.55 22.52 -20.11
CA ILE B 122 -15.33 22.31 -19.39
C ILE B 122 -15.70 22.50 -17.94
N TYR B 123 -15.28 21.56 -17.09
CA TYR B 123 -15.53 21.65 -15.65
C TYR B 123 -14.22 21.47 -14.89
N LEU B 124 -14.21 21.86 -13.62
CA LEU B 124 -13.03 21.71 -12.74
C LEU B 124 -13.48 21.50 -11.32
N HIS B 125 -12.55 21.08 -10.47
CA HIS B 125 -12.77 20.93 -9.02
C HIS B 125 -11.82 21.85 -8.32
N VAL B 126 -12.29 22.54 -7.27
CA VAL B 126 -11.46 23.42 -6.48
C VAL B 126 -11.90 23.29 -5.03
N ALA B 127 -10.92 23.32 -4.13
CA ALA B 127 -11.20 23.19 -2.73
C ALA B 127 -12.05 24.34 -2.26
N VAL B 128 -13.05 24.01 -1.45
CA VAL B 128 -13.92 25.01 -0.87
C VAL B 128 -13.08 25.90 0.01
N GLU B 129 -12.04 25.35 0.60
CA GLU B 129 -11.16 26.12 1.44
C GLU B 129 -10.16 26.95 0.69
N ASN B 130 -10.37 27.10 -0.62
CA ASN B 130 -9.54 27.98 -1.43
C ASN B 130 -10.47 28.97 -2.14
N PRO B 131 -11.12 29.84 -1.33
CA PRO B 131 -12.05 30.79 -1.94
C PRO B 131 -11.45 31.81 -2.93
N LYS B 132 -10.13 32.03 -2.92
CA LYS B 132 -9.53 32.99 -3.89
C LYS B 132 -9.53 32.33 -5.26
N ALA B 133 -9.22 31.04 -5.31
CA ALA B 133 -9.23 30.30 -6.57
C ALA B 133 -10.68 30.26 -7.09
N VAL B 134 -11.62 29.95 -6.21
CA VAL B 134 -13.02 29.94 -6.58
C VAL B 134 -13.40 31.28 -7.19
N HIS B 135 -13.01 32.37 -6.53
CA HIS B 135 -13.38 33.71 -7.01
C HIS B 135 -12.79 33.98 -8.38
N LEU B 136 -11.55 33.57 -8.55
CA LEU B 136 -10.84 33.68 -9.83
C LEU B 136 -11.52 32.87 -10.95
N TYR B 137 -12.00 31.68 -10.64
CA TYR B 137 -12.67 30.89 -11.68
C TYR B 137 -14.01 31.58 -12.05
N GLU B 138 -14.75 32.07 -11.05
CA GLU B 138 -16.00 32.79 -11.31
C GLU B 138 -15.75 33.99 -12.21
N GLU B 139 -14.65 34.72 -12.01
CA GLU B 139 -14.32 35.85 -12.88
C GLU B 139 -14.04 35.44 -14.29
N CYS B 140 -13.55 34.22 -14.48
CA CYS B 140 -13.23 33.74 -15.82
C CYS B 140 -14.46 33.09 -16.48
N GLY B 141 -15.63 33.18 -15.85
CA GLY B 141 -16.86 32.63 -16.43
C GLY B 141 -17.39 31.31 -15.89
N PHE B 142 -16.64 30.65 -15.01
CA PHE B 142 -17.09 29.40 -14.39
C PHE B 142 -18.16 29.68 -13.35
N VAL B 143 -19.04 28.70 -13.15
CA VAL B 143 -20.16 28.78 -12.21
C VAL B 143 -20.20 27.45 -11.46
N GLU B 144 -20.51 27.54 -10.17
CA GLU B 144 -20.63 26.37 -9.33
C GLU B 144 -21.86 25.53 -9.72
N GLU B 145 -21.67 24.23 -9.91
CA GLU B 145 -22.76 23.29 -10.20
C GLU B 145 -22.78 22.17 -9.13
N GLY B 146 -21.81 22.16 -8.23
CA GLY B 146 -21.78 21.17 -7.15
C GLY B 146 -20.91 21.57 -5.99
N HIS B 147 -21.30 21.14 -4.78
CA HIS B 147 -20.46 21.33 -3.59
C HIS B 147 -20.31 19.89 -3.05
N LEU B 148 -19.22 19.23 -3.40
CA LEU B 148 -19.06 17.83 -3.08
C LEU B 148 -18.58 17.61 -1.67
N VAL B 149 -19.39 16.94 -0.87
CA VAL B 149 -19.16 16.75 0.56
C VAL B 149 -18.13 15.65 0.92
N GLU B 150 -17.12 16.05 1.66
CA GLU B 150 -16.08 15.13 2.08
C GLU B 150 -15.59 14.23 0.95
N GLU B 151 -15.33 14.85 -0.20
CA GLU B 151 -14.89 14.18 -1.41
C GLU B 151 -13.46 13.66 -1.35
N PHE B 152 -12.55 14.42 -0.74
CA PHE B 152 -11.16 14.01 -0.72
C PHE B 152 -10.54 14.10 0.65
N PHE B 153 -9.66 13.16 0.93
CA PHE B 153 -8.93 13.15 2.14
C PHE B 153 -7.66 13.93 1.83
N ILE B 154 -7.46 15.02 2.55
CA ILE B 154 -6.32 15.90 2.33
C ILE B 154 -5.78 16.35 3.64
N ASN B 155 -4.45 16.29 3.82
N ASN B 155 -4.48 16.14 3.77
CA ASN B 155 -3.76 16.66 5.10
CA ASN B 155 -3.73 16.52 4.94
C ASN B 155 -4.50 16.26 6.35
C ASN B 155 -4.51 16.27 6.24
N GLY B 156 -4.91 15.00 6.41
CA GLY B 156 -5.55 14.53 7.62
C GLY B 156 -7.03 14.63 7.82
N ARG B 157 -7.80 15.11 6.85
CA ARG B 157 -9.27 15.16 7.03
C ARG B 157 -9.97 15.22 5.70
N TYR B 158 -11.26 14.90 5.70
CA TYR B 158 -12.03 14.92 4.49
C TYR B 158 -12.41 16.37 4.19
N GLN B 159 -12.30 16.77 2.94
CA GLN B 159 -12.62 18.14 2.58
C GLN B 159 -13.59 18.22 1.45
N ASP B 160 -14.28 19.35 1.39
CA ASP B 160 -15.26 19.62 0.38
C ASP B 160 -14.63 20.34 -0.80
N VAL B 161 -15.17 20.11 -1.99
CA VAL B 161 -14.70 20.83 -3.18
C VAL B 161 -15.88 21.31 -3.97
N LYS B 162 -15.67 22.41 -4.66
CA LYS B 162 -16.65 22.93 -5.57
C LYS B 162 -16.40 22.31 -6.96
N ARG B 163 -17.47 21.98 -7.68
CA ARG B 163 -17.34 21.61 -9.11
C ARG B 163 -17.92 22.83 -9.82
N MET B 164 -17.20 23.31 -10.80
CA MET B 164 -17.58 24.48 -11.54
C MET B 164 -17.48 24.20 -13.03
N TYR B 165 -18.27 24.88 -13.82
CA TYR B 165 -18.26 24.63 -15.27
C TYR B 165 -18.49 25.84 -16.09
N ILE B 166 -18.17 25.74 -17.38
CA ILE B 166 -18.46 26.80 -18.34
C ILE B 166 -18.79 26.11 -19.67
N LEU B 167 -19.71 26.68 -20.44
CA LEU B 167 -20.09 26.06 -21.71
C LEU B 167 -19.50 26.80 -22.89
N GLN B 168 -19.39 26.08 -24.01
CA GLN B 168 -18.86 26.63 -25.26
C GLN B 168 -19.66 27.87 -25.73
N SER B 169 -20.99 27.77 -25.70
CA SER B 169 -21.87 28.89 -26.11
C SER B 169 -21.58 30.14 -25.29
N LYS B 170 -21.40 29.99 -23.99
CA LYS B 170 -21.08 31.14 -23.17
C LYS B 170 -19.71 31.71 -23.50
N TYR B 171 -18.71 30.85 -23.63
CA TYR B 171 -17.36 31.35 -23.90
C TYR B 171 -17.24 32.01 -25.27
N LEU B 172 -17.86 31.43 -26.31
CA LEU B 172 -17.75 31.98 -27.64
C LEU B 172 -18.60 33.24 -27.85
N ASN B 173 -18.97 33.92 -26.77
CA ASN B 173 -19.77 35.17 -26.84
C ASN B 173 -19.34 36.22 -25.80
N GLN C 7 15.73 20.22 8.09
CA GLN C 7 16.99 19.86 7.35
C GLN C 7 16.85 18.50 6.60
N LEU C 8 16.07 17.58 7.16
CA LEU C 8 15.87 16.26 6.56
C LEU C 8 14.59 16.19 5.74
N THR C 9 14.64 15.44 4.65
CA THR C 9 13.47 15.28 3.80
C THR C 9 13.27 13.83 3.34
N LEU C 10 12.01 13.44 3.23
CA LEU C 10 11.67 12.13 2.69
C LEU C 10 11.27 12.36 1.26
N ARG C 11 11.79 11.56 0.35
CA ARG C 11 11.34 11.66 -1.06
C ARG C 11 11.29 10.29 -1.61
N ALA C 12 10.55 10.13 -2.70
CA ALA C 12 10.44 8.81 -3.30
C ALA C 12 11.80 8.33 -3.80
N LEU C 13 11.99 7.04 -3.60
CA LEU C 13 13.16 6.33 -4.09
C LEU C 13 13.18 6.45 -5.61
N GLU C 14 14.38 6.65 -6.13
CA GLU C 14 14.62 6.83 -7.55
C GLU C 14 15.75 5.87 -7.99
N ARG C 15 15.83 5.67 -9.31
CA ARG C 15 16.82 4.79 -9.89
C ARG C 15 18.24 5.22 -9.51
N GLY C 16 18.49 6.53 -9.49
CA GLY C 16 19.83 7.11 -9.08
C GLY C 16 20.19 6.85 -7.59
N ASP C 17 19.27 6.31 -6.80
CA ASP C 17 19.54 6.04 -5.41
C ASP C 17 19.93 4.59 -5.19
N LEU C 18 19.80 3.77 -6.23
CA LEU C 18 20.04 2.31 -6.06
C LEU C 18 21.43 1.85 -5.63
N ARG C 19 22.49 2.59 -5.94
CA ARG C 19 23.85 2.21 -5.50
C ARG C 19 23.91 2.37 -3.98
N PHE C 20 23.25 3.41 -3.46
CA PHE C 20 23.18 3.64 -2.01
C PHE C 20 22.43 2.47 -1.36
N ILE C 21 21.30 2.12 -1.93
CA ILE C 21 20.48 1.01 -1.37
C ILE C 21 21.27 -0.31 -1.44
N HIS C 22 21.95 -0.50 -2.57
CA HIS C 22 22.77 -1.71 -2.75
C HIS C 22 23.80 -1.86 -1.66
N ASN C 23 24.42 -0.74 -1.30
CA ASN C 23 25.40 -0.76 -0.27
C ASN C 23 24.76 -1.22 1.07
N LEU C 24 23.55 -0.76 1.37
CA LEU C 24 22.86 -1.12 2.62
C LEU C 24 22.34 -2.59 2.59
N ASN C 25 21.89 -3.04 1.44
CA ASN C 25 21.29 -4.39 1.33
C ASN C 25 22.30 -5.55 1.42
N ASN C 26 23.58 -5.22 1.30
CA ASN C 26 24.70 -6.14 1.40
C ASN C 26 25.46 -5.97 2.69
N ASN C 27 24.97 -5.12 3.59
CA ASN C 27 25.64 -4.92 4.85
C ASN C 27 24.95 -5.79 5.90
N ARG C 28 25.68 -6.74 6.44
CA ARG C 28 25.11 -7.68 7.38
C ARG C 28 24.58 -7.02 8.66
N ASN C 29 25.30 -6.05 9.21
N ASN C 29 25.31 -6.05 9.16
CA ASN C 29 24.85 -5.36 10.43
CA ASN C 29 24.91 -5.34 10.38
C ASN C 29 23.52 -4.66 10.17
C ASN C 29 23.63 -4.55 10.21
N ILE C 30 23.42 -3.97 9.03
CA ILE C 30 22.18 -3.23 8.73
C ILE C 30 20.99 -4.09 8.41
N MET C 31 21.19 -5.11 7.60
CA MET C 31 20.07 -5.93 7.25
C MET C 31 19.56 -6.77 8.40
N SER C 32 20.41 -7.07 9.36
CA SER C 32 19.92 -7.81 10.53
C SER C 32 18.71 -7.06 11.22
N TYR C 33 18.64 -5.73 11.12
CA TYR C 33 17.51 -4.95 11.71
C TYR C 33 16.21 -5.20 10.98
N TRP C 34 16.28 -5.62 9.70
CA TRP C 34 15.09 -5.95 8.94
C TRP C 34 14.86 -7.43 8.78
N PHE C 35 15.70 -8.25 9.40
CA PHE C 35 15.55 -9.72 9.37
C PHE C 35 15.71 -10.25 7.91
N GLU C 36 16.58 -9.60 7.15
CA GLU C 36 16.78 -9.90 5.72
C GLU C 36 18.15 -10.47 5.55
N GLU C 37 18.32 -11.27 4.49
CA GLU C 37 19.58 -11.88 4.15
C GLU C 37 20.38 -10.76 3.49
N PRO C 38 21.62 -10.53 3.92
CA PRO C 38 22.50 -9.49 3.39
C PRO C 38 23.28 -9.89 2.10
N TYR C 39 22.53 -10.19 1.06
CA TYR C 39 23.10 -10.61 -0.22
C TYR C 39 22.14 -10.14 -1.27
N GLU C 40 22.58 -9.28 -2.16
CA GLU C 40 21.70 -8.90 -3.22
C GLU C 40 22.52 -8.22 -4.31
N SER C 41 22.63 -8.85 -5.47
CA SER C 41 23.36 -8.22 -6.57
C SER C 41 22.60 -6.99 -7.04
N PHE C 42 23.34 -6.10 -7.66
CA PHE C 42 22.72 -4.89 -8.19
C PHE C 42 21.64 -5.22 -9.18
N ASP C 43 21.84 -6.28 -9.97
CA ASP C 43 20.83 -6.69 -10.94
C ASP C 43 19.55 -7.18 -10.30
N GLU C 44 19.65 -7.93 -9.20
CA GLU C 44 18.47 -8.41 -8.52
C GLU C 44 17.71 -7.17 -7.97
N LEU C 45 18.47 -6.29 -7.35
CA LEU C 45 17.89 -5.04 -6.80
C LEU C 45 17.16 -4.21 -7.86
N GLU C 46 17.83 -3.95 -8.97
CA GLU C 46 17.30 -3.11 -10.00
C GLU C 46 16.15 -3.76 -10.68
N GLU C 47 16.26 -5.06 -10.95
CA GLU C 47 15.14 -5.77 -11.56
C GLU C 47 13.92 -5.82 -10.66
N LEU C 48 14.11 -5.98 -9.34
CA LEU C 48 12.95 -5.95 -8.47
C LEU C 48 12.39 -4.52 -8.42
N TYR C 49 13.25 -3.52 -8.40
CA TYR C 49 12.77 -2.11 -8.44
C TYR C 49 11.89 -1.91 -9.67
N ASN C 50 12.37 -2.37 -10.84
CA ASN C 50 11.62 -2.18 -12.09
C ASN C 50 10.30 -2.87 -12.00
N LYS C 51 10.30 -4.03 -11.41
CA LYS C 51 9.06 -4.80 -11.30
C LYS C 51 8.01 -4.13 -10.42
N HIS C 52 8.44 -3.39 -9.40
CA HIS C 52 7.48 -2.81 -8.47
C HIS C 52 7.18 -1.35 -8.72
N ILE C 53 7.55 -0.82 -9.86
CA ILE C 53 7.39 0.65 -10.09
C ILE C 53 5.96 1.08 -9.87
N HIS C 54 5.04 0.28 -10.38
CA HIS C 54 3.62 0.60 -10.29
C HIS C 54 2.86 -0.13 -9.18
N ASP C 55 3.58 -0.77 -8.31
CA ASP C 55 2.96 -1.48 -7.22
C ASP C 55 2.46 -0.53 -6.15
N ASN C 56 1.14 -0.45 -6.04
CA ASN C 56 0.53 0.45 -5.10
C ASN C 56 0.55 -0.03 -3.64
N ALA C 57 0.99 -1.27 -3.39
CA ALA C 57 1.03 -1.80 -2.02
C ALA C 57 2.31 -1.38 -1.29
N GLU C 58 3.11 -0.49 -1.88
CA GLU C 58 4.31 -0.03 -1.18
C GLU C 58 4.66 1.38 -1.51
N ARG C 59 5.37 2.03 -0.57
CA ARG C 59 5.94 3.34 -0.76
C ARG C 59 7.36 3.25 -0.17
N ARG C 60 8.39 3.56 -0.98
CA ARG C 60 9.81 3.52 -0.56
C ARG C 60 10.39 4.88 -0.63
N PHE C 61 10.93 5.34 0.48
CA PHE C 61 11.49 6.68 0.54
C PHE C 61 12.95 6.62 0.90
N VAL C 62 13.63 7.64 0.43
CA VAL C 62 15.01 7.93 0.67
C VAL C 62 15.01 9.21 1.51
N VAL C 63 15.96 9.28 2.43
CA VAL C 63 16.12 10.44 3.31
C VAL C 63 17.34 11.20 2.93
N GLU C 64 17.16 12.48 2.66
CA GLU C 64 18.22 13.38 2.31
C GLU C 64 18.28 14.53 3.30
N ASP C 65 19.45 15.15 3.43
CA ASP C 65 19.60 16.33 4.27
C ASP C 65 19.67 17.51 3.30
N ALA C 66 19.96 18.70 3.81
CA ALA C 66 20.09 19.91 2.97
C ALA C 66 21.15 19.77 1.86
N GLN C 67 22.19 18.99 2.11
CA GLN C 67 23.26 18.79 1.12
C GLN C 67 22.93 17.73 0.08
N LYS C 68 21.78 17.05 0.23
CA LYS C 68 21.37 16.00 -0.72
C LYS C 68 22.18 14.71 -0.51
N ASN C 69 22.77 14.59 0.68
CA ASN C 69 23.46 13.37 1.07
C ASN C 69 22.37 12.38 1.42
N LEU C 70 22.61 11.13 1.09
CA LEU C 70 21.70 10.04 1.34
C LEU C 70 21.91 9.53 2.76
N ILE C 71 20.87 9.71 3.57
CA ILE C 71 20.90 9.47 5.00
C ILE C 71 20.37 8.13 5.43
N GLY C 72 19.30 7.69 4.77
CA GLY C 72 18.65 6.49 5.16
C GLY C 72 17.49 6.14 4.29
N LEU C 73 16.73 5.17 4.73
CA LEU C 73 15.61 4.61 4.02
C LEU C 73 14.42 4.51 4.93
N VAL C 74 13.24 4.76 4.39
CA VAL C 74 11.99 4.56 5.10
C VAL C 74 11.05 3.88 4.14
N GLU C 75 10.42 2.80 4.57
CA GLU C 75 9.45 2.14 3.72
C GLU C 75 8.13 1.81 4.43
N LEU C 76 7.05 1.90 3.67
CA LEU C 76 5.74 1.48 4.11
C LEU C 76 5.45 0.36 3.13
N ILE C 77 5.20 -0.85 3.63
CA ILE C 77 4.98 -2.00 2.79
C ILE C 77 3.73 -2.75 3.24
N GLU C 78 3.31 -3.69 2.40
CA GLU C 78 2.09 -4.51 2.59
C GLU C 78 0.89 -3.60 2.85
N ILE C 79 0.81 -2.47 2.14
CA ILE C 79 -0.29 -1.54 2.31
C ILE C 79 -1.57 -2.25 1.88
N ASN C 80 -2.54 -2.37 2.78
CA ASN C 80 -3.76 -3.04 2.48
C ASN C 80 -4.88 -2.00 2.43
N TYR C 81 -5.61 -1.88 1.36
N TYR C 81 -5.58 -2.14 1.31
CA TYR C 81 -6.57 -0.83 1.33
CA TYR C 81 -6.67 -1.34 0.77
C TYR C 81 -7.98 -1.20 1.86
C TYR C 81 -7.98 -1.35 1.57
N ILE C 82 -8.25 -2.46 2.24
CA ILE C 82 -9.51 -2.70 2.95
C ILE C 82 -9.24 -2.51 4.45
N HIS C 83 -8.22 -3.19 4.98
CA HIS C 83 -7.86 -3.09 6.40
C HIS C 83 -7.18 -1.78 6.78
N ARG C 84 -6.70 -1.06 5.78
N ARG C 84 -6.65 -1.12 5.75
CA ARG C 84 -6.06 0.23 5.99
CA ARG C 84 -5.99 0.16 5.88
C ARG C 84 -4.83 0.09 6.92
C ARG C 84 -4.79 0.14 6.83
N SER C 85 -3.99 -0.91 6.67
CA SER C 85 -2.80 -1.09 7.47
C SER C 85 -1.58 -1.21 6.57
N ALA C 86 -0.41 -0.98 7.18
CA ALA C 86 0.89 -1.14 6.53
C ALA C 86 1.96 -1.36 7.56
N GLU C 87 3.04 -1.95 7.08
CA GLU C 87 4.22 -2.17 7.88
C GLU C 87 5.21 -1.05 7.60
N PHE C 88 5.76 -0.52 8.67
CA PHE C 88 6.76 0.51 8.58
C PHE C 88 8.08 -0.08 8.92
N GLN C 89 9.12 0.32 8.18
CA GLN C 89 10.49 -0.07 8.49
C GLN C 89 11.44 1.07 8.09
N ILE C 90 12.54 1.16 8.82
CA ILE C 90 13.51 2.23 8.62
C ILE C 90 14.95 1.81 8.82
N ILE C 91 15.87 2.49 8.14
CA ILE C 91 17.30 2.27 8.23
C ILE C 91 17.97 3.60 8.17
N ILE C 92 18.99 3.80 8.99
CA ILE C 92 19.81 5.00 8.93
C ILE C 92 21.23 4.50 8.60
N ALA C 93 21.82 4.97 7.52
CA ALA C 93 23.16 4.55 7.15
C ALA C 93 24.14 4.61 8.33
N PRO C 94 25.11 3.67 8.37
CA PRO C 94 26.06 3.61 9.48
C PRO C 94 26.67 4.97 9.78
N GLU C 95 27.17 5.63 8.72
N GLU C 95 27.19 5.65 8.75
CA GLU C 95 27.80 6.95 8.84
CA GLU C 95 27.81 6.97 8.92
C GLU C 95 26.94 8.04 9.49
C GLU C 95 26.94 7.97 9.67
N HIS C 96 25.61 7.90 9.49
CA HIS C 96 24.68 8.88 10.11
C HIS C 96 23.92 8.45 11.34
N GLN C 97 24.20 7.26 11.87
CA GLN C 97 23.53 6.82 13.11
C GLN C 97 23.95 7.67 14.30
N GLY C 98 23.18 7.56 15.39
CA GLY C 98 23.45 8.30 16.63
C GLY C 98 23.44 9.83 16.53
N LYS C 99 22.84 10.36 15.48
CA LYS C 99 22.77 11.81 15.31
C LYS C 99 21.41 12.35 15.69
N GLY C 100 20.52 11.47 16.16
CA GLY C 100 19.19 11.86 16.60
C GLY C 100 18.09 11.94 15.55
N PHE C 101 18.43 11.56 14.32
CA PHE C 101 17.52 11.64 13.19
C PHE C 101 16.37 10.66 13.20
N ALA C 102 16.52 9.54 13.89
CA ALA C 102 15.50 8.51 13.86
C ALA C 102 14.10 8.99 14.19
N ARG C 103 13.95 9.71 15.29
CA ARG C 103 12.65 10.23 15.75
C ARG C 103 11.96 11.12 14.75
N THR C 104 12.72 12.01 14.15
CA THR C 104 12.15 12.93 13.19
C THR C 104 11.60 12.12 12.03
N LEU C 105 12.34 11.10 11.61
CA LEU C 105 11.94 10.31 10.46
C LEU C 105 10.76 9.40 10.74
N ILE C 106 10.70 8.87 11.95
CA ILE C 106 9.55 8.03 12.34
C ILE C 106 8.31 8.92 12.28
N ASN C 107 8.44 10.12 12.78
CA ASN C 107 7.32 11.04 12.77
C ASN C 107 6.86 11.42 11.34
N ARG C 108 7.83 11.60 10.44
CA ARG C 108 7.50 11.93 9.07
C ARG C 108 6.75 10.82 8.42
N ALA C 109 7.14 9.57 8.73
CA ALA C 109 6.51 8.41 8.15
C ALA C 109 5.07 8.21 8.64
N LEU C 110 4.85 8.49 9.92
CA LEU C 110 3.52 8.43 10.48
C LEU C 110 2.71 9.57 9.86
N ASP C 111 3.27 10.76 9.75
CA ASP C 111 2.55 11.87 9.15
C ASP C 111 2.11 11.43 7.69
N TYR C 112 2.98 10.77 6.95
CA TYR C 112 2.65 10.39 5.58
C TYR C 112 1.56 9.38 5.63
N SER C 113 1.73 8.38 6.49
CA SER C 113 0.76 7.32 6.56
C SER C 113 -0.63 7.80 6.95
N PHE C 114 -0.70 8.72 7.91
CA PHE C 114 -1.96 9.12 8.48
C PHE C 114 -2.62 10.34 7.92
N THR C 115 -1.86 11.29 7.38
CA THR C 115 -2.42 12.51 6.84
C THR C 115 -2.46 12.47 5.30
N ILE C 116 -1.70 11.59 4.66
CA ILE C 116 -1.68 11.48 3.18
C ILE C 116 -2.35 10.17 2.68
N LEU C 117 -1.85 9.01 3.10
CA LEU C 117 -2.41 7.74 2.68
C LEU C 117 -3.69 7.36 3.36
N ASN C 118 -4.05 8.10 4.40
CA ASN C 118 -5.29 7.83 5.11
C ASN C 118 -5.35 6.39 5.65
N LEU C 119 -4.23 5.92 6.22
CA LEU C 119 -4.20 4.57 6.79
C LEU C 119 -4.72 4.61 8.23
N HIS C 120 -5.22 3.48 8.67
CA HIS C 120 -5.80 3.32 10.00
C HIS C 120 -4.74 2.85 11.01
N LYS C 121 -3.88 1.95 10.57
CA LYS C 121 -2.88 1.32 11.46
C LYS C 121 -1.51 1.12 10.84
N ILE C 122 -0.46 1.46 11.58
CA ILE C 122 0.89 1.19 11.14
C ILE C 122 1.54 0.29 12.19
N TYR C 123 2.12 -0.82 11.73
CA TYR C 123 2.85 -1.70 12.63
C TYR C 123 4.31 -1.90 12.21
N LEU C 124 5.11 -2.42 13.13
CA LEU C 124 6.49 -2.73 12.87
C LEU C 124 6.94 -3.92 13.67
N HIS C 125 8.14 -4.38 13.36
CA HIS C 125 8.81 -5.45 14.07
C HIS C 125 10.17 -5.01 14.54
N VAL C 126 10.50 -5.36 15.75
CA VAL C 126 11.78 -5.01 16.32
C VAL C 126 12.29 -6.15 17.18
N ALA C 127 13.57 -6.44 17.06
CA ALA C 127 14.21 -7.50 17.80
C ALA C 127 14.07 -7.23 19.28
N VAL C 128 13.65 -8.22 20.02
CA VAL C 128 13.57 -8.13 21.44
C VAL C 128 14.93 -7.85 21.99
N GLU C 129 15.97 -8.34 21.33
CA GLU C 129 17.30 -8.10 21.82
C GLU C 129 17.79 -6.70 21.49
N ASN C 130 16.96 -5.87 20.84
CA ASN C 130 17.32 -4.48 20.58
C ASN C 130 16.39 -3.56 21.42
N PRO C 131 16.53 -3.60 22.76
CA PRO C 131 15.63 -2.84 23.63
C PRO C 131 15.71 -1.32 23.49
N LYS C 132 16.84 -0.80 23.02
CA LYS C 132 16.91 0.64 22.84
C LYS C 132 16.11 1.07 21.61
N ALA C 133 16.01 0.21 20.62
CA ALA C 133 15.16 0.53 19.48
C ALA C 133 13.71 0.41 19.99
N VAL C 134 13.41 -0.61 20.80
CA VAL C 134 12.04 -0.79 21.32
C VAL C 134 11.60 0.46 22.09
N HIS C 135 12.49 0.94 22.94
CA HIS C 135 12.25 2.09 23.75
C HIS C 135 12.00 3.37 22.90
N LEU C 136 12.76 3.53 21.81
CA LEU C 136 12.59 4.67 20.93
C LEU C 136 11.22 4.60 20.30
N TYR C 137 10.82 3.41 19.84
CA TYR C 137 9.52 3.29 19.20
C TYR C 137 8.36 3.60 20.17
N GLU C 138 8.54 3.19 21.41
CA GLU C 138 7.56 3.44 22.43
C GLU C 138 7.44 4.91 22.69
N GLU C 139 8.56 5.60 22.66
CA GLU C 139 8.60 7.05 22.88
C GLU C 139 7.92 7.77 21.74
N CYS C 140 7.96 7.19 20.55
CA CYS C 140 7.32 7.75 19.39
C CYS C 140 5.85 7.31 19.33
N GLY C 141 5.33 6.63 20.35
CA GLY C 141 3.90 6.26 20.39
C GLY C 141 3.46 4.84 20.04
N PHE C 142 4.39 4.03 19.60
CA PHE C 142 4.06 2.67 19.29
C PHE C 142 3.85 1.87 20.57
N VAL C 143 2.96 0.87 20.50
CA VAL C 143 2.69 0.00 21.63
C VAL C 143 2.81 -1.45 21.20
N GLU C 144 3.41 -2.25 22.06
CA GLU C 144 3.58 -3.68 21.81
C GLU C 144 2.24 -4.40 21.74
N GLU C 145 2.00 -5.16 20.68
CA GLU C 145 0.81 -5.97 20.53
C GLU C 145 1.19 -7.45 20.36
N GLY C 146 2.48 -7.75 20.25
CA GLY C 146 2.94 -9.13 20.15
C GLY C 146 4.38 -9.31 20.53
N HIS C 147 4.70 -10.52 20.96
CA HIS C 147 6.09 -10.94 21.26
C HIS C 147 6.19 -12.24 20.48
N LEU C 148 6.72 -12.19 19.26
CA LEU C 148 6.76 -13.36 18.37
C LEU C 148 7.96 -14.22 18.70
N VAL C 149 7.68 -15.45 19.10
CA VAL C 149 8.68 -16.41 19.56
C VAL C 149 9.46 -17.12 18.45
N GLU C 150 10.77 -16.97 18.49
CA GLU C 150 11.64 -17.62 17.48
C GLU C 150 11.14 -17.43 16.05
N GLU C 151 10.77 -16.19 15.74
CA GLU C 151 10.19 -15.81 14.50
C GLU C 151 11.22 -15.78 13.35
N PHE C 152 12.45 -15.35 13.65
CA PHE C 152 13.47 -15.16 12.66
C PHE C 152 14.82 -15.78 13.09
N PHE C 153 15.49 -16.39 12.12
CA PHE C 153 16.80 -16.95 12.31
C PHE C 153 17.71 -15.80 11.97
N ILE C 154 18.49 -15.38 12.95
CA ILE C 154 19.40 -14.28 12.79
C ILE C 154 20.70 -14.61 13.46
N ASN C 155 21.78 -14.44 12.70
CA ASN C 155 23.13 -14.69 13.20
C ASN C 155 23.28 -15.93 14.06
N GLY C 156 22.82 -17.08 13.55
CA GLY C 156 23.04 -18.35 14.20
C GLY C 156 22.01 -18.95 15.12
N ARG C 157 20.89 -18.25 15.31
CA ARG C 157 19.83 -18.73 16.20
C ARG C 157 18.54 -18.05 15.97
N TYR C 158 17.49 -18.64 16.50
CA TYR C 158 16.19 -18.07 16.35
C TYR C 158 15.98 -16.97 17.39
N GLN C 159 15.43 -15.84 16.96
CA GLN C 159 15.21 -14.73 17.86
C GLN C 159 13.77 -14.32 17.91
N ASP C 160 13.41 -13.67 19.00
CA ASP C 160 12.04 -13.18 19.23
C ASP C 160 11.96 -11.75 18.79
N VAL C 161 10.80 -11.33 18.32
CA VAL C 161 10.66 -9.93 17.96
C VAL C 161 9.39 -9.38 18.52
N LYS C 162 9.39 -8.09 18.79
CA LYS C 162 8.18 -7.43 19.20
C LYS C 162 7.44 -6.95 17.96
N ARG C 163 6.10 -7.01 17.97
CA ARG C 163 5.31 -6.37 16.93
C ARG C 163 4.70 -5.22 17.69
N MET C 164 4.83 -3.99 17.14
CA MET C 164 4.34 -2.78 17.79
C MET C 164 3.49 -1.97 16.82
N TYR C 165 2.51 -1.21 17.30
CA TYR C 165 1.63 -0.51 16.38
C TYR C 165 1.19 0.83 16.90
N ILE C 166 0.61 1.62 16.00
CA ILE C 166 0.03 2.90 16.38
C ILE C 166 -1.16 3.10 15.45
N LEU C 167 -2.23 3.67 15.98
CA LEU C 167 -3.44 3.95 15.17
C LEU C 167 -3.57 5.41 14.75
N GLN C 168 -4.21 5.59 13.61
CA GLN C 168 -4.44 6.90 13.03
C GLN C 168 -5.12 7.87 14.01
N SER C 169 -6.17 7.41 14.69
CA SER C 169 -6.90 8.28 15.61
C SER C 169 -6.00 8.72 16.78
N LYS C 170 -5.21 7.80 17.28
CA LYS C 170 -4.32 8.18 18.37
C LYS C 170 -3.31 9.22 17.86
N TYR C 171 -2.74 8.98 16.69
CA TYR C 171 -1.75 9.90 16.17
C TYR C 171 -2.32 11.27 15.84
N LEU C 172 -3.42 11.30 15.09
CA LEU C 172 -3.99 12.58 14.69
C LEU C 172 -4.46 13.41 15.86
N ASN C 173 -4.91 12.77 16.92
CA ASN C 173 -5.47 13.52 18.03
C ASN C 173 -4.70 13.64 19.31
N ARG C 174 -3.46 13.17 19.37
CA ARG C 174 -2.85 13.07 20.69
C ARG C 174 -2.73 14.34 21.54
N SER C 175 -2.46 15.49 20.90
CA SER C 175 -2.32 16.78 21.61
C SER C 175 -3.65 17.54 21.71
N GLU C 176 -4.77 16.94 21.25
CA GLU C 176 -6.08 17.62 21.26
C GLU C 176 -6.78 17.51 22.60
N1 SPM D . -12.14 -6.85 -11.01
C2 SPM D . -12.65 -7.32 -9.73
C3 SPM D . -11.48 -7.73 -8.88
C4 SPM D . -12.03 -8.31 -7.60
N5 SPM D . -11.01 -8.73 -6.68
C6 SPM D . -11.41 -9.01 -5.32
C7 SPM D . -10.57 -10.10 -4.68
C8 SPM D . -10.94 -10.10 -3.21
C9 SPM D . -9.99 -10.94 -2.39
N10 SPM D . -10.11 -12.32 -2.76
C11 SPM D . -9.21 -13.32 -2.17
C12 SPM D . -9.45 -14.69 -2.79
C13 SPM D . -9.18 -15.84 -1.82
N14 SPM D . -10.19 -15.80 -0.80
N1 SPM E . -4.07 -18.14 9.80
N1 SPM E . -7.95 -20.15 9.40
C2 SPM E . -5.44 -18.08 10.26
C2 SPM E . -6.78 -19.29 9.70
C3 SPM E . -6.52 -18.14 9.19
C3 SPM E . -6.80 -17.73 9.55
C4 SPM E . -6.68 -16.81 8.46
C4 SPM E . -7.04 -17.02 8.19
N5 SPM E . -6.01 -16.65 7.18
C6 SPM E . -5.43 -15.31 6.97
C7 SPM E . -5.43 -14.74 5.53
C8 SPM E . -4.02 -14.43 5.01
C9 SPM E . -3.38 -13.21 5.69
N10 SPM E . -2.33 -12.61 4.87
C11 SPM E . -1.03 -13.22 4.64
C12 SPM E . 0.13 -12.25 4.32
C13 SPM E . 0.39 -11.23 5.43
N14 SPM E . 1.76 -10.75 5.46
C1 EOH F . -11.19 -24.36 13.30
C2 EOH F . -10.91 -23.98 14.73
O EOH F . -12.61 -24.55 13.23
C1 EOH G . -1.59 -10.81 -12.99
C2 EOH G . -2.35 -12.12 -13.08
O EOH G . -1.42 -10.44 -11.61
N1 SPM H . 5.41 1.55 -6.21
C2 SPM H . 5.10 2.92 -5.82
C3 SPM H . 3.93 3.37 -6.68
C4 SPM H . 3.48 4.67 -6.11
N5 SPM H . 2.47 5.31 -6.89
C6 SPM H . 1.92 6.51 -6.28
C7 SPM H . 1.30 7.48 -7.27
C8 SPM H . 0.81 8.69 -6.51
C9 SPM H . -0.29 9.38 -7.24
N10 SPM H . 0.10 9.68 -8.56
C11 SPM H . 0.51 11.01 -8.89
C12 SPM H . 0.10 11.33 -10.32
C13 SPM H . 0.72 12.65 -10.74
N14 SPM H . 0.23 13.67 -9.82
C1 EOH I . 1.65 0.81 -16.66
C2 EOH I . 1.74 -0.09 -17.88
O EOH I . 0.34 0.71 -16.07
N1 SPM J . 17.01 -6.28 1.66
C2 SPM J . 16.18 -6.24 0.48
C3 SPM J . 16.60 -7.39 -0.40
C4 SPM J . 16.18 -8.77 0.12
N5 SPM J . 17.20 -9.75 -0.20
C6 SPM J . 17.02 -11.13 0.14
C7 SPM J . 18.11 -12.02 -0.39
C8 SPM J . 17.81 -12.44 -1.82
C9 SPM J . 18.93 -13.29 -2.35
N10 SPM J . 18.85 -13.59 -3.76
C11 SPM J . 20.04 -14.23 -4.36
C12 SPM J . 19.76 -14.83 -5.71
C13 SPM J . 21.06 -15.26 -6.40
N14 SPM J . 20.80 -15.84 -7.71
C1 EOH K . 10.40 -7.98 6.10
C2 EOH K . 10.26 -8.96 7.27
O EOH K . 11.43 -6.98 6.31
C1 EOH L . 11.40 -11.95 -9.88
C2 EOH L . 11.45 -13.29 -10.60
O EOH L . 11.35 -10.93 -10.88
C1 EOH M . 17.73 2.73 15.53
C2 EOH M . 18.63 3.17 14.40
O EOH M . 16.44 2.39 15.00
#